data_3IQH
#
_entry.id   3IQH
#
_cell.length_a   112.153
_cell.length_b   112.153
_cell.length_c   45.728
_cell.angle_alpha   90.00
_cell.angle_beta   90.00
_cell.angle_gamma   90.00
#
_symmetry.space_group_name_H-M   'I 41'
#
loop_
_entity.id
_entity.type
_entity.pdbx_description
1 polymer 'Cysteine synthase'
2 polymer MNYDI
3 non-polymer 'SULFATE ION'
4 water water
#
loop_
_entity_poly.entity_id
_entity_poly.type
_entity_poly.pdbx_seq_one_letter_code
_entity_poly.pdbx_strand_id
1 'polypeptide(L)'
;MAIYADNSYSIGNTPLVRLKHFGHNGNVVVKIEGRNPSYSV(LLP)CRIGANMVWQAEKDGTLTKGKEIVDATSGNTGIA
LAYVAAARGYKITLTMPETMSLERKRLLCGLGVNLVLTEGAKGMKGAIAKAEEIVASDPSRYVMLKQFENPANPQIHRET
TGPEIWKDTDGKVDVVVAGVGTGGSITGISRAIKLDFGKQITSVAVEPVESPVISQTLAGEEVKPGPHKIQGIGAGFIPK
NLDLSIIDRVETVDSDTALATARRLMAEEGILAGISSGAAVAAADRLAKLPEFADKLIVVILPSASERYLSTALFEGIEG
;
X
2 'polypeptide(L)' MNYDI P
#
loop_
_chem_comp.id
_chem_comp.type
_chem_comp.name
_chem_comp.formula
SO4 non-polymer 'SULFATE ION' 'O4 S -2'
#
# COMPACT_ATOMS: atom_id res chain seq x y z
N ALA A 2 13.56 -13.87 -17.24
CA ALA A 2 14.31 -12.93 -18.14
C ALA A 2 15.23 -12.00 -17.34
N ILE A 3 15.80 -11.02 -18.03
CA ILE A 3 16.62 -10.01 -17.40
C ILE A 3 15.91 -8.67 -17.50
N TYR A 4 15.63 -8.07 -16.35
CA TYR A 4 14.90 -6.80 -16.34
C TYR A 4 15.82 -5.65 -16.72
N ALA A 5 15.32 -4.73 -17.55
CA ALA A 5 16.19 -3.66 -18.10
C ALA A 5 16.63 -2.66 -17.01
N ASP A 6 15.78 -2.51 -15.99
CA ASP A 6 16.11 -1.72 -14.79
C ASP A 6 15.22 -2.27 -13.67
N ASN A 7 15.44 -1.79 -12.45
CA ASN A 7 14.83 -2.42 -11.27
C ASN A 7 13.30 -2.22 -11.27
N SER A 8 12.82 -1.14 -11.89
CA SER A 8 11.35 -0.93 -11.97
C SER A 8 10.60 -2.08 -12.63
N TYR A 9 11.20 -2.71 -13.63
CA TYR A 9 10.52 -3.78 -14.38
C TYR A 9 10.43 -5.08 -13.58
N SER A 10 11.16 -5.16 -12.48
CA SER A 10 11.22 -6.41 -11.66
C SER A 10 10.09 -6.54 -10.61
N ILE A 11 9.17 -5.58 -10.62
CA ILE A 11 8.09 -5.54 -9.61
C ILE A 11 7.24 -6.80 -9.59
N GLY A 12 6.73 -7.12 -8.41
CA GLY A 12 5.65 -8.10 -8.30
C GLY A 12 6.13 -9.56 -8.36
N ASN A 13 5.27 -10.45 -8.87
CA ASN A 13 5.48 -11.89 -8.80
C ASN A 13 5.79 -12.38 -7.36
N THR A 14 5.01 -11.84 -6.41
CA THR A 14 5.21 -12.08 -4.98
C THR A 14 4.50 -13.38 -4.58
N PRO A 15 5.06 -14.08 -3.59
CA PRO A 15 4.57 -15.42 -3.30
C PRO A 15 3.32 -15.51 -2.40
N LEU A 16 2.58 -16.61 -2.51
CA LEU A 16 1.50 -16.92 -1.59
C LEU A 16 1.96 -18.00 -0.61
N VAL A 17 1.73 -17.76 0.69
CA VAL A 17 2.13 -18.67 1.76
C VAL A 17 0.89 -18.97 2.60
N ARG A 18 0.59 -20.25 2.79
CA ARG A 18 -0.53 -20.69 3.63
C ARG A 18 -0.19 -20.53 5.11
N LEU A 19 -1.08 -19.91 5.89
CA LEU A 19 -0.85 -19.81 7.34
C LEU A 19 -1.25 -21.08 8.05
N LYS A 20 -0.45 -21.43 9.04
CA LYS A 20 -0.72 -22.60 9.87
C LYS A 20 -1.45 -22.29 11.16
N HIS A 21 -1.17 -21.13 11.75
CA HIS A 21 -1.68 -20.80 13.10
C HIS A 21 -2.78 -19.73 13.11
N PHE A 22 -3.31 -19.47 11.93
CA PHE A 22 -4.40 -18.54 11.72
C PHE A 22 -5.31 -19.34 10.79
N GLY A 23 -6.57 -18.93 10.71
CA GLY A 23 -7.51 -19.59 9.84
C GLY A 23 -8.07 -20.88 10.42
N HIS A 24 -8.91 -21.52 9.61
CA HIS A 24 -9.46 -22.81 9.94
C HIS A 24 -9.12 -23.75 8.78
N ASN A 25 -8.39 -24.84 9.07
CA ASN A 25 -8.00 -25.83 8.06
C ASN A 25 -7.30 -25.23 6.81
N GLY A 26 -6.37 -24.31 7.04
CA GLY A 26 -5.57 -23.73 5.96
C GLY A 26 -6.27 -22.76 5.02
N ASN A 27 -7.43 -22.20 5.43
CA ASN A 27 -8.21 -21.27 4.58
C ASN A 27 -7.65 -19.83 4.44
N VAL A 28 -6.57 -19.53 5.17
CA VAL A 28 -5.92 -18.23 5.07
C VAL A 28 -4.55 -18.34 4.40
N VAL A 29 -4.40 -17.59 3.31
CA VAL A 29 -3.16 -17.53 2.54
CA VAL A 29 -3.12 -17.52 2.63
C VAL A 29 -2.74 -16.06 2.47
N VAL A 30 -1.45 -15.81 2.54
CA VAL A 30 -0.95 -14.44 2.52
C VAL A 30 -0.05 -14.21 1.31
N LYS A 31 -0.18 -13.01 0.75
CA LYS A 31 0.65 -12.56 -0.38
C LYS A 31 1.68 -11.58 0.12
N ILE A 32 2.95 -11.93 -0.06
CA ILE A 32 4.09 -11.24 0.57
C ILE A 32 4.67 -10.11 -0.30
N GLU A 33 4.08 -8.93 -0.14
CA GLU A 33 4.45 -7.76 -0.96
C GLU A 33 5.76 -7.11 -0.53
N GLY A 34 6.29 -7.55 0.63
CA GLY A 34 7.64 -7.19 1.04
C GLY A 34 8.69 -7.66 0.04
N ARG A 35 8.36 -8.68 -0.76
CA ARG A 35 9.33 -9.18 -1.75
C ARG A 35 9.24 -8.42 -3.09
N ASN A 36 9.77 -7.20 -3.08
CA ASN A 36 9.63 -6.27 -4.19
C ASN A 36 10.91 -5.45 -4.27
N PRO A 37 11.13 -4.72 -5.39
CA PRO A 37 12.42 -4.01 -5.59
C PRO A 37 12.81 -3.09 -4.41
N SER A 38 11.85 -2.39 -3.81
CA SER A 38 12.12 -1.59 -2.59
C SER A 38 11.27 -2.06 -1.40
N TYR A 39 10.88 -3.33 -1.43
CA TYR A 39 10.43 -4.07 -0.24
C TYR A 39 9.04 -3.66 0.31
N SER A 40 8.20 -3.11 -0.57
CA SER A 40 6.79 -2.97 -0.26
C SER A 40 5.88 -3.08 -1.51
N VAL A 41 4.57 -3.17 -1.25
CA VAL A 41 3.54 -3.12 -2.29
C VAL A 41 3.69 -1.89 -3.20
N1 LLP A 42 0.17 -0.93 4.22
C2 LLP A 42 1.34 -0.28 3.85
C2' LLP A 42 2.56 -0.50 4.71
C3 LLP A 42 1.34 0.56 2.71
O3 LLP A 42 2.38 1.18 2.38
C4 LLP A 42 0.14 0.71 1.97
C4' LLP A 42 0.06 1.58 0.75
C5 LLP A 42 -1.02 0.02 2.37
C6 LLP A 42 -0.99 -0.80 3.48
C5' LLP A 42 -2.32 0.13 1.63
OP4 LLP A 42 -2.33 -0.14 0.19
P LLP A 42 -3.25 0.74 -0.79
OP1 LLP A 42 -3.14 0.01 -2.09
OP2 LLP A 42 -4.60 0.73 -0.20
OP3 LLP A 42 -2.62 2.06 -0.72
N LLP A 42 4.14 -0.77 -2.62
CA LLP A 42 4.21 0.52 -3.33
CB LLP A 42 4.48 1.71 -2.39
CG LLP A 42 3.41 1.94 -1.33
CD LLP A 42 2.02 2.14 -1.93
CE LLP A 42 1.11 2.85 -0.95
NZ LLP A 42 1.19 2.20 0.41
C LLP A 42 5.20 0.54 -4.48
O LLP A 42 5.07 1.35 -5.40
N CYS A 43 6.17 -0.38 -4.45
CA CYS A 43 7.04 -0.60 -5.62
C CYS A 43 6.23 -0.71 -6.94
N ARG A 44 5.08 -1.39 -6.89
CA ARG A 44 4.25 -1.57 -8.08
C ARG A 44 3.75 -0.22 -8.59
N ILE A 45 3.28 0.63 -7.69
CA ILE A 45 2.71 1.91 -8.05
C ILE A 45 3.75 2.97 -8.33
N GLY A 46 4.87 2.90 -7.62
CA GLY A 46 6.03 3.71 -7.96
C GLY A 46 6.37 3.51 -9.43
N ALA A 47 6.53 2.25 -9.83
CA ALA A 47 6.87 1.92 -11.20
C ALA A 47 5.80 2.41 -12.18
N ASN A 48 4.55 2.02 -11.95
CA ASN A 48 3.49 2.31 -12.92
C ASN A 48 3.09 3.77 -13.04
N MET A 49 3.13 4.51 -11.93
CA MET A 49 2.84 5.95 -12.05
C MET A 49 3.91 6.69 -12.90
N VAL A 50 5.17 6.33 -12.71
CA VAL A 50 6.23 6.86 -13.54
C VAL A 50 6.05 6.41 -15.00
N TRP A 51 5.84 5.12 -15.23
CA TRP A 51 5.69 4.59 -16.59
C TRP A 51 4.52 5.25 -17.34
N GLN A 52 3.39 5.45 -16.64
CA GLN A 52 2.21 6.04 -17.27
CA GLN A 52 2.21 6.05 -17.27
C GLN A 52 2.44 7.50 -17.61
N ALA A 53 3.13 8.21 -16.72
CA ALA A 53 3.46 9.62 -16.94
C ALA A 53 4.44 9.79 -18.11
N GLU A 54 5.35 8.82 -18.29
CA GLU A 54 6.21 8.75 -19.47
C GLU A 54 5.38 8.55 -20.75
N LYS A 55 4.48 7.57 -20.73
CA LYS A 55 3.64 7.24 -21.89
C LYS A 55 2.69 8.40 -22.27
N ASP A 56 2.18 9.13 -21.28
CA ASP A 56 1.27 10.21 -21.63
C ASP A 56 1.98 11.56 -21.82
N GLY A 57 3.28 11.58 -21.59
CA GLY A 57 4.10 12.75 -21.93
C GLY A 57 4.18 13.79 -20.82
N THR A 58 3.64 13.48 -19.64
CA THR A 58 3.71 14.41 -18.53
C THR A 58 5.05 14.32 -17.79
N LEU A 59 5.75 13.21 -18.00
CA LEU A 59 7.08 13.06 -17.48
C LEU A 59 8.04 12.84 -18.64
N THR A 60 9.02 13.73 -18.76
CA THR A 60 10.00 13.68 -19.84
C THR A 60 11.38 13.79 -19.22
N LYS A 61 12.40 13.40 -19.98
CA LYS A 61 13.79 13.55 -19.56
C LYS A 61 14.06 14.96 -19.07
N GLY A 62 14.75 15.07 -17.95
CA GLY A 62 15.04 16.38 -17.37
C GLY A 62 13.99 16.91 -16.40
N LYS A 63 12.70 16.57 -16.64
CA LYS A 63 11.64 16.89 -15.68
C LYS A 63 11.91 16.19 -14.35
N GLU A 64 11.43 16.78 -13.25
CA GLU A 64 11.76 16.33 -11.90
C GLU A 64 10.51 15.89 -11.11
N ILE A 65 10.62 14.80 -10.38
CA ILE A 65 9.52 14.30 -9.56
C ILE A 65 9.49 15.03 -8.21
N VAL A 66 8.29 15.44 -7.78
CA VAL A 66 8.11 16.05 -6.45
C VAL A 66 6.95 15.35 -5.73
N ASP A 67 7.15 15.01 -4.46
CA ASP A 67 6.05 14.49 -3.65
C ASP A 67 6.26 14.79 -2.17
N ALA A 68 5.23 14.56 -1.36
CA ALA A 68 5.29 14.77 0.09
C ALA A 68 5.17 13.48 0.89
N THR A 69 5.73 12.38 0.39
CA THR A 69 5.70 11.12 1.17
C THR A 69 7.11 10.62 1.54
N SER A 70 7.25 10.18 2.78
CA SER A 70 8.48 9.52 3.28
C SER A 70 8.21 8.06 3.58
N GLY A 71 6.95 7.66 3.34
CA GLY A 71 6.48 6.30 3.60
C GLY A 71 6.81 5.44 2.41
N ASN A 72 6.11 4.33 2.27
CA ASN A 72 6.48 3.34 1.27
C ASN A 72 6.45 3.90 -0.16
N THR A 73 5.48 4.79 -0.42
CA THR A 73 5.40 5.45 -1.72
C THR A 73 6.64 6.31 -2.02
N GLY A 74 7.10 7.08 -1.04
CA GLY A 74 8.33 7.89 -1.20
C GLY A 74 9.54 7.01 -1.56
N ILE A 75 9.67 5.89 -0.85
CA ILE A 75 10.76 4.97 -1.05
C ILE A 75 10.65 4.34 -2.44
N ALA A 76 9.42 3.97 -2.83
CA ALA A 76 9.13 3.39 -4.15
C ALA A 76 9.48 4.38 -5.28
N LEU A 77 8.96 5.60 -5.16
CA LEU A 77 9.29 6.66 -6.12
C LEU A 77 10.81 6.91 -6.17
N ALA A 78 11.46 6.91 -5.01
CA ALA A 78 12.92 7.06 -4.96
C ALA A 78 13.68 6.00 -5.77
N TYR A 79 13.42 4.70 -5.53
CA TYR A 79 14.15 3.67 -6.30
C TYR A 79 13.82 3.79 -7.81
N VAL A 80 12.56 4.11 -8.16
CA VAL A 80 12.15 4.18 -9.56
C VAL A 80 12.86 5.34 -10.26
N ALA A 81 12.87 6.49 -9.59
CA ALA A 81 13.58 7.69 -10.08
C ALA A 81 15.06 7.40 -10.32
N ALA A 82 15.71 6.75 -9.36
CA ALA A 82 17.12 6.37 -9.52
C ALA A 82 17.29 5.38 -10.67
N ALA A 83 16.43 4.37 -10.74
CA ALA A 83 16.49 3.35 -11.81
C ALA A 83 16.30 3.91 -13.21
N ARG A 84 15.49 4.96 -13.33
CA ARG A 84 15.11 5.51 -14.63
C ARG A 84 15.71 6.87 -14.91
N GLY A 85 16.55 7.35 -13.99
CA GLY A 85 17.40 8.52 -14.23
C GLY A 85 16.70 9.86 -14.03
N TYR A 86 15.67 9.90 -13.18
CA TYR A 86 15.01 11.16 -12.78
C TYR A 86 15.53 11.72 -11.47
N LYS A 87 15.65 13.05 -11.39
CA LYS A 87 15.77 13.72 -10.08
C LYS A 87 14.43 13.63 -9.36
N ILE A 88 14.50 13.54 -8.04
CA ILE A 88 13.31 13.55 -7.23
C ILE A 88 13.53 14.37 -5.95
N THR A 89 12.53 15.20 -5.64
CA THR A 89 12.43 15.90 -4.38
C THR A 89 11.27 15.33 -3.57
N LEU A 90 11.55 14.99 -2.32
CA LEU A 90 10.51 14.61 -1.39
C LEU A 90 10.53 15.58 -0.21
N THR A 91 9.36 16.09 0.15
CA THR A 91 9.19 16.97 1.31
C THR A 91 8.69 16.17 2.52
N MET A 92 9.16 16.55 3.71
CA MET A 92 8.79 15.87 4.95
C MET A 92 9.10 16.71 6.18
N PRO A 93 8.32 16.53 7.27
CA PRO A 93 8.58 17.13 8.58
C PRO A 93 10.02 16.88 9.07
N GLU A 94 10.67 17.92 9.62
CA GLU A 94 12.06 17.80 10.12
C GLU A 94 12.21 16.74 11.23
N THR A 95 11.07 16.29 11.75
CA THR A 95 11.02 15.38 12.90
C THR A 95 10.96 13.89 12.47
N MET A 96 10.95 13.66 11.17
CA MET A 96 11.12 12.32 10.60
C MET A 96 12.37 11.62 11.13
N SER A 97 12.31 10.29 11.24
CA SER A 97 13.42 9.48 11.74
C SER A 97 14.67 9.63 10.88
N LEU A 98 15.82 9.58 11.55
CA LEU A 98 17.10 9.59 10.89
C LEU A 98 17.21 8.38 9.95
N GLU A 99 16.65 7.24 10.36
CA GLU A 99 16.60 6.04 9.52
C GLU A 99 15.95 6.31 8.16
N ARG A 100 14.78 6.94 8.19
CA ARG A 100 14.04 7.29 6.97
C ARG A 100 14.73 8.33 6.09
N LYS A 101 15.27 9.38 6.71
CA LYS A 101 16.10 10.37 5.98
C LYS A 101 17.30 9.72 5.29
N ARG A 102 18.06 8.94 6.05
CA ARG A 102 19.20 8.16 5.56
C ARG A 102 18.82 7.25 4.38
N LEU A 103 17.76 6.48 4.53
CA LEU A 103 17.34 5.59 3.45
C LEU A 103 17.06 6.38 2.17
N LEU A 104 16.32 7.47 2.33
CA LEU A 104 15.94 8.32 1.20
C LEU A 104 17.13 9.06 0.60
N CYS A 105 18.02 9.56 1.45
CA CYS A 105 19.26 10.19 0.95
C CYS A 105 20.13 9.19 0.22
N GLY A 106 20.23 7.97 0.74
CA GLY A 106 20.93 6.89 0.07
C GLY A 106 20.42 6.60 -1.34
N LEU A 107 19.10 6.70 -1.53
CA LEU A 107 18.47 6.48 -2.85
C LEU A 107 18.56 7.70 -3.78
N GLY A 108 19.25 8.74 -3.30
CA GLY A 108 19.53 9.92 -4.12
C GLY A 108 18.49 11.02 -4.09
N VAL A 109 17.52 10.90 -3.19
CA VAL A 109 16.44 11.89 -3.03
C VAL A 109 16.96 13.24 -2.51
N ASN A 110 16.45 14.32 -3.08
CA ASN A 110 16.62 15.66 -2.52
C ASN A 110 15.54 15.87 -1.46
N LEU A 111 15.94 15.74 -0.20
CA LEU A 111 15.00 15.91 0.89
C LEU A 111 14.86 17.38 1.27
N VAL A 112 13.63 17.85 1.25
CA VAL A 112 13.31 19.17 1.76
C VAL A 112 12.60 18.95 3.10
N LEU A 113 13.29 19.33 4.19
CA LEU A 113 12.72 19.20 5.51
C LEU A 113 11.86 20.42 5.78
N THR A 114 10.59 20.16 6.04
CA THR A 114 9.64 21.21 6.37
C THR A 114 9.59 21.40 7.91
N GLU A 115 8.82 22.41 8.34
CA GLU A 115 8.78 22.79 9.75
C GLU A 115 8.09 21.71 10.57
N GLY A 116 8.80 21.24 11.59
CA GLY A 116 8.33 20.18 12.49
C GLY A 116 6.94 20.48 13.01
N ALA A 117 6.77 21.69 13.54
CA ALA A 117 5.50 22.14 14.12
C ALA A 117 4.34 22.27 13.12
N LYS A 118 4.57 21.89 11.86
CA LYS A 118 3.52 21.94 10.82
C LYS A 118 3.02 20.55 10.37
N GLY A 119 3.78 19.50 10.68
CA GLY A 119 3.37 18.13 10.34
C GLY A 119 3.32 17.83 8.84
N MET A 120 2.46 16.88 8.46
CA MET A 120 2.28 16.48 7.05
C MET A 120 1.74 17.60 6.19
N LYS A 121 0.81 18.40 6.75
CA LYS A 121 0.18 19.51 6.04
C LYS A 121 1.23 20.48 5.47
N GLY A 122 2.22 20.79 6.31
CA GLY A 122 3.36 21.63 5.92
C GLY A 122 4.16 21.06 4.77
N ALA A 123 4.47 19.75 4.85
CA ALA A 123 5.14 19.02 3.76
C ALA A 123 4.33 18.98 2.44
N ILE A 124 3.02 18.75 2.52
CA ILE A 124 2.18 18.69 1.32
C ILE A 124 2.08 20.05 0.63
N ALA A 125 1.97 21.10 1.45
CA ALA A 125 1.87 22.47 0.97
C ALA A 125 3.17 22.88 0.27
N LYS A 126 4.31 22.53 0.89
CA LYS A 126 5.63 22.75 0.30
C LYS A 126 5.80 22.08 -1.08
N ALA A 127 5.39 20.81 -1.18
CA ALA A 127 5.43 20.06 -2.44
C ALA A 127 4.60 20.76 -3.51
N GLU A 128 3.39 21.17 -3.13
CA GLU A 128 2.49 21.96 -4.00
C GLU A 128 3.09 23.31 -4.41
N GLU A 129 3.74 23.97 -3.45
CA GLU A 129 4.46 25.21 -3.69
C GLU A 129 5.64 25.04 -4.65
N ILE A 130 6.48 24.02 -4.42
CA ILE A 130 7.61 23.75 -5.31
C ILE A 130 7.14 23.55 -6.74
N VAL A 131 6.08 22.77 -6.93
CA VAL A 131 5.56 22.47 -8.28
C VAL A 131 5.03 23.74 -8.97
N ALA A 132 4.25 24.53 -8.23
CA ALA A 132 3.68 25.78 -8.75
C ALA A 132 4.76 26.81 -9.12
N SER A 133 5.95 26.68 -8.53
CA SER A 133 7.07 27.58 -8.82
C SER A 133 7.69 27.38 -10.22
N ASP A 134 7.51 26.18 -10.78
CA ASP A 134 7.85 25.90 -12.18
C ASP A 134 7.15 24.63 -12.66
N PRO A 135 5.85 24.73 -12.99
CA PRO A 135 5.04 23.58 -13.41
C PRO A 135 5.55 22.80 -14.62
N SER A 136 6.39 23.42 -15.48
CA SER A 136 6.96 22.72 -16.64
C SER A 136 8.15 21.84 -16.24
N ARG A 137 8.66 22.07 -15.05
CA ARG A 137 9.84 21.40 -14.53
C ARG A 137 9.49 20.22 -13.60
N TYR A 138 8.35 20.34 -12.93
CA TYR A 138 8.02 19.46 -11.80
C TYR A 138 6.74 18.68 -12.03
N VAL A 139 6.75 17.40 -11.64
CA VAL A 139 5.58 16.56 -11.76
CA VAL A 139 5.59 16.52 -11.77
C VAL A 139 5.28 15.88 -10.42
N MET A 140 4.03 16.02 -9.98
CA MET A 140 3.57 15.43 -8.75
C MET A 140 2.59 14.32 -9.15
N LEU A 141 2.88 13.08 -8.73
CA LEU A 141 2.19 11.92 -9.30
C LEU A 141 0.84 11.58 -8.61
N LYS A 142 0.69 12.02 -7.36
CA LYS A 142 -0.60 12.01 -6.64
C LYS A 142 -1.21 10.61 -6.48
N GLN A 143 -0.55 9.80 -5.66
CA GLN A 143 -0.94 8.40 -5.45
C GLN A 143 -2.39 8.14 -4.98
N PHE A 144 -3.03 9.11 -4.30
CA PHE A 144 -4.43 8.91 -3.88
C PHE A 144 -5.45 9.00 -5.02
N GLU A 145 -5.11 9.68 -6.12
CA GLU A 145 -6.05 9.83 -7.23
C GLU A 145 -5.62 9.28 -8.61
N ASN A 146 -4.33 9.01 -8.76
CA ASN A 146 -3.77 8.60 -10.04
C ASN A 146 -4.25 7.19 -10.44
N PRO A 147 -5.04 7.06 -11.55
CA PRO A 147 -5.57 5.70 -11.88
C PRO A 147 -4.47 4.68 -12.17
N ALA A 148 -3.27 5.12 -12.51
CA ALA A 148 -2.10 4.20 -12.67
C ALA A 148 -1.81 3.36 -11.40
N ASN A 149 -2.22 3.86 -10.22
CA ASN A 149 -2.11 3.11 -8.97
C ASN A 149 -2.99 1.84 -9.01
N PRO A 150 -4.35 1.96 -8.98
CA PRO A 150 -5.10 0.71 -9.06
C PRO A 150 -4.89 -0.06 -10.37
N GLN A 151 -4.54 0.60 -11.47
CA GLN A 151 -4.35 -0.10 -12.73
C GLN A 151 -3.22 -1.16 -12.66
N ILE A 152 -2.10 -0.82 -12.03
CA ILE A 152 -1.03 -1.80 -11.90
C ILE A 152 -1.42 -3.01 -11.06
N HIS A 153 -2.28 -2.81 -10.06
CA HIS A 153 -2.86 -3.91 -9.29
C HIS A 153 -3.83 -4.76 -10.08
N ARG A 154 -4.62 -4.12 -10.94
CA ARG A 154 -5.44 -4.85 -11.90
C ARG A 154 -4.61 -5.67 -12.90
N GLU A 155 -3.45 -5.17 -13.30
CA GLU A 155 -2.65 -5.83 -14.34
C GLU A 155 -1.68 -6.88 -13.82
N THR A 156 -1.29 -6.76 -12.56
CA THR A 156 -0.22 -7.62 -11.99
C THR A 156 -0.71 -8.32 -10.71
N THR A 157 -1.01 -7.55 -9.66
CA THR A 157 -1.32 -8.13 -8.36
C THR A 157 -2.50 -9.08 -8.41
N GLY A 158 -3.61 -8.61 -9.00
CA GLY A 158 -4.82 -9.40 -9.21
C GLY A 158 -4.60 -10.68 -10.02
N PRO A 159 -4.07 -10.57 -11.26
CA PRO A 159 -3.72 -11.76 -12.05
C PRO A 159 -2.80 -12.79 -11.35
N GLU A 160 -1.80 -12.31 -10.61
CA GLU A 160 -0.94 -13.21 -9.77
C GLU A 160 -1.74 -14.02 -8.75
N ILE A 161 -2.65 -13.35 -8.04
CA ILE A 161 -3.59 -14.05 -7.16
C ILE A 161 -4.43 -15.10 -7.89
N TRP A 162 -5.05 -14.70 -9.00
CA TRP A 162 -5.81 -15.65 -9.82
C TRP A 162 -4.98 -16.88 -10.21
N LYS A 163 -3.78 -16.62 -10.73
CA LYS A 163 -2.93 -17.69 -11.28
C LYS A 163 -2.44 -18.64 -10.19
N ASP A 164 -1.97 -18.09 -9.08
CA ASP A 164 -1.30 -18.87 -8.06
C ASP A 164 -2.33 -19.65 -7.25
N THR A 165 -3.59 -19.20 -7.26
CA THR A 165 -4.68 -19.96 -6.62
C THR A 165 -5.45 -20.83 -7.59
N ASP A 166 -5.04 -20.88 -8.85
CA ASP A 166 -5.78 -21.59 -9.91
C ASP A 166 -7.26 -21.18 -9.93
N GLY A 167 -7.51 -19.87 -9.77
CA GLY A 167 -8.87 -19.36 -9.69
C GLY A 167 -9.72 -19.71 -8.49
N LYS A 168 -9.11 -20.27 -7.44
CA LYS A 168 -9.87 -20.74 -6.28
C LYS A 168 -10.10 -19.67 -5.19
N VAL A 169 -9.39 -18.54 -5.29
CA VAL A 169 -9.62 -17.41 -4.39
C VAL A 169 -11.12 -17.09 -4.26
N ASP A 170 -11.60 -17.02 -3.01
CA ASP A 170 -12.98 -16.65 -2.70
C ASP A 170 -13.11 -15.28 -2.05
N VAL A 171 -12.07 -14.87 -1.32
CA VAL A 171 -12.09 -13.64 -0.52
C VAL A 171 -10.74 -12.95 -0.68
N VAL A 172 -10.73 -11.63 -0.87
CA VAL A 172 -9.49 -10.85 -0.79
C VAL A 172 -9.61 -9.87 0.39
N VAL A 173 -8.58 -9.85 1.23
CA VAL A 173 -8.57 -8.98 2.38
C VAL A 173 -7.36 -8.05 2.21
N ALA A 174 -7.62 -6.75 2.21
CA ALA A 174 -6.58 -5.74 2.04
C ALA A 174 -6.88 -4.48 2.85
N GLY A 175 -5.91 -4.08 3.64
CA GLY A 175 -5.94 -2.77 4.27
C GLY A 175 -5.95 -1.68 3.19
N VAL A 176 -6.60 -0.58 3.51
CA VAL A 176 -6.78 0.54 2.57
C VAL A 176 -5.97 1.76 2.99
N GLY A 177 -5.01 2.15 2.14
CA GLY A 177 -4.30 3.41 2.28
C GLY A 177 -4.78 4.35 1.18
N THR A 178 -4.27 4.14 -0.02
CA THR A 178 -4.79 4.78 -1.22
C THR A 178 -6.04 4.06 -1.79
N GLY A 179 -6.29 2.82 -1.34
CA GLY A 179 -7.30 1.97 -1.97
C GLY A 179 -6.91 1.25 -3.25
N GLY A 180 -5.75 1.61 -3.84
CA GLY A 180 -5.34 1.05 -5.11
C GLY A 180 -5.29 -0.48 -5.13
N SER A 181 -4.77 -1.09 -4.07
CA SER A 181 -4.64 -2.57 -4.01
C SER A 181 -5.98 -3.29 -4.06
N ILE A 182 -6.87 -2.97 -3.12
CA ILE A 182 -8.16 -3.66 -3.10
CA ILE A 182 -8.16 -3.65 -3.11
C ILE A 182 -8.94 -3.35 -4.39
N THR A 183 -8.87 -2.09 -4.86
CA THR A 183 -9.57 -1.68 -6.08
C THR A 183 -9.09 -2.48 -7.30
N GLY A 184 -7.79 -2.46 -7.56
CA GLY A 184 -7.20 -3.14 -8.73
C GLY A 184 -7.37 -4.64 -8.68
N ILE A 185 -7.06 -5.24 -7.54
CA ILE A 185 -7.22 -6.70 -7.38
C ILE A 185 -8.69 -7.12 -7.62
N SER A 186 -9.62 -6.36 -7.04
CA SER A 186 -11.04 -6.70 -7.10
C SER A 186 -11.55 -6.55 -8.54
N ARG A 187 -11.13 -5.49 -9.25
CA ARG A 187 -11.50 -5.35 -10.66
C ARG A 187 -10.98 -6.51 -11.53
N ALA A 188 -9.71 -6.88 -11.33
CA ALA A 188 -9.12 -8.06 -11.99
C ALA A 188 -9.97 -9.32 -11.80
N ILE A 189 -10.18 -9.69 -10.54
CA ILE A 189 -10.83 -10.97 -10.23
C ILE A 189 -12.33 -10.98 -10.61
N LYS A 190 -13.04 -9.91 -10.24
CA LYS A 190 -14.48 -9.86 -10.50
C LYS A 190 -14.80 -9.55 -11.97
N LEU A 191 -14.03 -8.67 -12.58
CA LEU A 191 -14.37 -8.15 -13.91
C LEU A 191 -13.56 -8.88 -15.00
N ASP A 192 -12.24 -8.99 -14.84
CA ASP A 192 -11.44 -9.69 -15.87
C ASP A 192 -11.54 -11.22 -15.81
N PHE A 193 -11.60 -11.78 -14.61
CA PHE A 193 -11.70 -13.24 -14.47
C PHE A 193 -13.10 -13.69 -14.13
N GLY A 194 -13.98 -12.72 -13.89
CA GLY A 194 -15.41 -12.98 -13.75
C GLY A 194 -15.87 -13.72 -12.50
N LYS A 195 -15.06 -13.71 -11.43
CA LYS A 195 -15.41 -14.48 -10.23
C LYS A 195 -15.99 -13.58 -9.13
N GLN A 196 -17.13 -14.00 -8.60
CA GLN A 196 -17.90 -13.24 -7.63
C GLN A 196 -17.35 -13.42 -6.21
N ILE A 197 -16.16 -12.88 -5.96
CA ILE A 197 -15.49 -12.97 -4.66
C ILE A 197 -16.02 -11.96 -3.64
N THR A 198 -15.56 -12.11 -2.40
CA THR A 198 -15.82 -11.11 -1.36
C THR A 198 -14.60 -10.21 -1.21
N SER A 199 -14.73 -8.94 -1.56
CA SER A 199 -13.68 -7.94 -1.32
C SER A 199 -13.85 -7.27 0.03
N VAL A 200 -12.83 -7.42 0.85
CA VAL A 200 -12.86 -6.92 2.21
C VAL A 200 -11.84 -5.82 2.41
N ALA A 201 -12.34 -4.61 2.65
CA ALA A 201 -11.45 -3.52 3.01
C ALA A 201 -11.15 -3.53 4.52
N VAL A 202 -9.90 -3.23 4.90
CA VAL A 202 -9.54 -3.18 6.32
C VAL A 202 -9.05 -1.75 6.69
N GLU A 203 -9.53 -1.25 7.82
CA GLU A 203 -9.19 0.11 8.30
C GLU A 203 -9.04 0.08 9.83
N PRO A 204 -8.35 1.10 10.42
CA PRO A 204 -8.24 1.11 11.88
C PRO A 204 -9.58 1.43 12.53
N VAL A 205 -9.89 0.69 13.58
CA VAL A 205 -11.02 1.01 14.43
C VAL A 205 -10.91 2.46 14.93
N GLU A 206 -9.69 2.97 15.06
CA GLU A 206 -9.44 4.36 15.52
C GLU A 206 -9.81 5.44 14.50
N SER A 207 -9.84 5.05 13.22
CA SER A 207 -10.17 6.00 12.18
C SER A 207 -11.03 5.30 11.12
N PRO A 208 -12.26 4.92 11.49
CA PRO A 208 -13.04 4.01 10.64
C PRO A 208 -13.94 4.74 9.64
N VAL A 209 -13.31 5.54 8.80
CA VAL A 209 -14.04 6.49 7.95
C VAL A 209 -14.77 5.81 6.80
N ILE A 210 -14.28 4.66 6.33
CA ILE A 210 -15.03 3.90 5.33
C ILE A 210 -16.35 3.35 5.93
N SER A 211 -16.23 2.71 7.09
CA SER A 211 -17.38 2.24 7.90
C SER A 211 -18.42 3.33 8.19
N GLN A 212 -17.94 4.48 8.68
CA GLN A 212 -18.81 5.60 9.01
C GLN A 212 -19.47 6.13 7.74
N THR A 213 -18.67 6.35 6.69
CA THR A 213 -19.22 6.78 5.40
C THR A 213 -20.35 5.87 4.94
N LEU A 214 -20.09 4.57 4.83
CA LEU A 214 -21.07 3.65 4.27
C LEU A 214 -22.30 3.49 5.16
N ALA A 215 -22.14 3.82 6.44
CA ALA A 215 -23.25 3.75 7.40
C ALA A 215 -24.03 5.05 7.40
N GLY A 216 -23.53 6.05 6.68
CA GLY A 216 -24.11 7.37 6.66
C GLY A 216 -23.97 8.08 7.99
N GLU A 217 -22.93 7.70 8.77
CA GLU A 217 -22.65 8.36 10.06
C GLU A 217 -21.60 9.46 9.89
N GLU A 218 -21.53 10.36 10.88
CA GLU A 218 -20.50 11.39 10.88
C GLU A 218 -19.12 10.75 10.76
N VAL A 219 -18.31 11.34 9.89
CA VAL A 219 -16.97 10.84 9.59
C VAL A 219 -16.02 11.47 10.61
N LYS A 220 -15.43 10.64 11.45
CA LYS A 220 -14.58 11.11 12.56
C LYS A 220 -13.24 10.40 12.47
N PRO A 221 -12.29 10.93 11.67
CA PRO A 221 -10.96 10.32 11.68
C PRO A 221 -10.28 10.44 13.04
N GLY A 222 -9.30 9.57 13.31
CA GLY A 222 -8.53 9.64 14.55
C GLY A 222 -7.16 9.01 14.40
N PRO A 223 -6.26 9.29 15.37
CA PRO A 223 -4.88 8.79 15.33
C PRO A 223 -4.80 7.28 15.58
N HIS A 224 -3.82 6.63 14.95
CA HIS A 224 -3.65 5.19 15.09
C HIS A 224 -2.20 4.86 14.72
N LYS A 225 -1.80 3.62 14.96
CA LYS A 225 -0.41 3.23 14.75
C LYS A 225 -0.22 2.23 13.61
N ILE A 226 -1.27 2.03 12.82
CA ILE A 226 -1.21 1.08 11.72
C ILE A 226 -0.68 1.78 10.47
N GLN A 227 0.65 1.89 10.40
CA GLN A 227 1.32 2.61 9.30
C GLN A 227 0.93 2.07 7.93
N GLY A 228 0.54 3.00 7.05
CA GLY A 228 0.26 2.68 5.66
C GLY A 228 -1.22 2.60 5.35
N ILE A 229 -2.06 2.55 6.40
CA ILE A 229 -3.52 2.59 6.22
C ILE A 229 -4.15 3.71 7.04
N GLY A 230 -5.48 3.83 6.98
CA GLY A 230 -6.22 4.80 7.80
C GLY A 230 -5.84 6.25 7.53
N ALA A 231 -6.00 6.67 6.28
CA ALA A 231 -5.66 8.04 5.84
C ALA A 231 -6.62 9.11 6.38
N GLY A 232 -7.79 8.68 6.82
CA GLY A 232 -8.76 9.59 7.47
C GLY A 232 -9.72 10.27 6.50
N PHE A 233 -9.74 9.80 5.26
CA PHE A 233 -10.65 10.23 4.21
C PHE A 233 -10.85 9.07 3.24
N ILE A 234 -11.84 9.19 2.36
CA ILE A 234 -12.09 8.22 1.30
C ILE A 234 -11.26 8.65 0.08
N PRO A 235 -10.21 7.89 -0.22
CA PRO A 235 -9.42 8.33 -1.39
C PRO A 235 -10.09 7.99 -2.71
N LYS A 236 -9.78 8.80 -3.74
CA LYS A 236 -10.29 8.57 -5.09
C LYS A 236 -9.99 7.19 -5.63
N ASN A 237 -8.83 6.63 -5.26
CA ASN A 237 -8.47 5.28 -5.73
C ASN A 237 -9.06 4.11 -4.90
N LEU A 238 -9.99 4.40 -3.96
CA LEU A 238 -10.83 3.38 -3.35
C LEU A 238 -12.17 3.33 -4.09
N ASP A 239 -12.37 2.24 -4.85
CA ASP A 239 -13.62 2.03 -5.56
C ASP A 239 -14.61 1.35 -4.59
N LEU A 240 -15.41 2.16 -3.89
CA LEU A 240 -16.39 1.64 -2.93
C LEU A 240 -17.40 0.69 -3.56
N SER A 241 -17.70 0.89 -4.85
CA SER A 241 -18.59 -0.02 -5.61
C SER A 241 -18.20 -1.50 -5.62
N ILE A 242 -16.90 -1.80 -5.47
CA ILE A 242 -16.42 -3.19 -5.44
C ILE A 242 -16.09 -3.72 -4.07
N ILE A 243 -16.31 -2.90 -3.04
CA ILE A 243 -16.11 -3.35 -1.65
C ILE A 243 -17.38 -4.03 -1.10
N ASP A 244 -17.26 -5.27 -0.65
CA ASP A 244 -18.42 -6.01 -0.11
C ASP A 244 -18.57 -5.91 1.39
N ARG A 245 -17.44 -5.76 2.05
CA ARG A 245 -17.34 -5.81 3.48
C ARG A 245 -16.20 -4.90 3.96
N VAL A 246 -16.39 -4.25 5.12
CA VAL A 246 -15.28 -3.50 5.75
C VAL A 246 -15.04 -4.00 7.17
N GLU A 247 -13.81 -4.40 7.46
CA GLU A 247 -13.48 -4.87 8.81
C GLU A 247 -12.58 -3.85 9.49
N THR A 248 -12.88 -3.56 10.75
CA THR A 248 -12.01 -2.68 11.52
C THR A 248 -11.14 -3.51 12.43
N VAL A 249 -9.90 -3.04 12.64
CA VAL A 249 -8.92 -3.70 13.53
C VAL A 249 -8.24 -2.59 14.34
N ASP A 250 -7.97 -2.86 15.61
CA ASP A 250 -7.33 -1.86 16.51
C ASP A 250 -5.78 -1.98 16.41
N SER A 251 -5.06 -0.91 16.78
CA SER A 251 -3.60 -0.86 16.59
C SER A 251 -2.85 -1.96 17.38
N ASP A 252 -3.25 -2.18 18.65
CA ASP A 252 -2.63 -3.18 19.52
C ASP A 252 -2.74 -4.57 18.89
N THR A 253 -3.95 -4.92 18.47
CA THR A 253 -4.20 -6.19 17.83
C THR A 253 -3.42 -6.36 16.49
N ALA A 254 -3.36 -5.30 15.67
CA ALA A 254 -2.49 -5.31 14.46
C ALA A 254 -1.04 -5.64 14.82
N LEU A 255 -0.51 -4.96 15.84
CA LEU A 255 0.87 -5.16 16.27
C LEU A 255 1.09 -6.58 16.80
N ALA A 256 0.18 -7.04 17.66
CA ALA A 256 0.28 -8.37 18.26
C ALA A 256 0.24 -9.44 17.16
N THR A 257 -0.58 -9.19 16.15
CA THR A 257 -0.73 -10.15 15.01
C THR A 257 0.55 -10.21 14.16
N ALA A 258 1.13 -9.04 13.89
CA ALA A 258 2.36 -8.98 13.13
C ALA A 258 3.47 -9.75 13.90
N ARG A 259 3.55 -9.53 15.23
CA ARG A 259 4.47 -10.32 16.07
C ARG A 259 4.23 -11.81 16.01
N ARG A 260 2.96 -12.23 15.97
CA ARG A 260 2.63 -13.64 15.86
C ARG A 260 3.04 -14.21 14.51
N LEU A 261 2.82 -13.44 13.45
CA LEU A 261 3.32 -13.80 12.11
C LEU A 261 4.85 -14.09 12.10
N MET A 262 5.62 -13.23 12.77
CA MET A 262 7.06 -13.45 12.91
C MET A 262 7.36 -14.74 13.69
N ALA A 263 6.87 -14.79 14.93
CA ALA A 263 7.25 -15.84 15.89
C ALA A 263 6.66 -17.18 15.58
N GLU A 264 5.46 -17.21 15.01
CA GLU A 264 4.74 -18.44 14.78
C GLU A 264 4.71 -18.94 13.35
N GLU A 265 4.87 -18.04 12.38
CA GLU A 265 4.89 -18.44 10.97
C GLU A 265 6.24 -18.21 10.27
N GLY A 266 7.13 -17.45 10.91
CA GLY A 266 8.42 -17.12 10.30
C GLY A 266 8.23 -16.17 9.12
N ILE A 267 7.23 -15.30 9.21
CA ILE A 267 6.93 -14.27 8.19
C ILE A 267 7.19 -12.89 8.80
N LEU A 268 8.15 -12.20 8.19
CA LEU A 268 8.58 -10.88 8.58
C LEU A 268 7.63 -9.83 7.99
N ALA A 269 6.51 -9.68 8.68
CA ALA A 269 5.39 -8.83 8.30
C ALA A 269 5.49 -7.43 8.96
N GLY A 270 5.00 -6.42 8.25
CA GLY A 270 4.89 -5.09 8.79
C GLY A 270 3.61 -4.96 9.60
N ILE A 271 3.43 -3.80 10.21
CA ILE A 271 2.30 -3.54 11.10
C ILE A 271 0.94 -3.71 10.40
N SER A 272 0.79 -3.09 9.23
CA SER A 272 -0.45 -3.18 8.46
C SER A 272 -0.74 -4.62 8.02
N SER A 273 0.31 -5.43 7.90
CA SER A 273 0.17 -6.84 7.58
C SER A 273 -0.53 -7.56 8.73
N GLY A 274 -0.17 -7.18 9.95
CA GLY A 274 -0.82 -7.74 11.15
C GLY A 274 -2.29 -7.37 11.17
N ALA A 275 -2.60 -6.14 10.79
CA ALA A 275 -3.98 -5.67 10.72
C ALA A 275 -4.78 -6.49 9.69
N ALA A 276 -4.24 -6.62 8.48
CA ALA A 276 -4.92 -7.40 7.40
C ALA A 276 -5.19 -8.86 7.83
N VAL A 277 -4.19 -9.51 8.42
CA VAL A 277 -4.36 -10.89 8.90
C VAL A 277 -5.33 -11.00 10.09
N ALA A 278 -5.32 -10.03 11.01
CA ALA A 278 -6.27 -10.06 12.12
C ALA A 278 -7.72 -9.99 11.61
N ALA A 279 -7.98 -9.14 10.61
CA ALA A 279 -9.29 -9.11 9.93
C ALA A 279 -9.63 -10.41 9.19
N ALA A 280 -8.67 -10.93 8.44
CA ALA A 280 -8.84 -12.19 7.70
C ALA A 280 -9.10 -13.40 8.65
N ASP A 281 -8.43 -13.44 9.80
CA ASP A 281 -8.59 -14.53 10.77
C ASP A 281 -10.02 -14.52 11.36
N ARG A 282 -10.54 -13.32 11.56
CA ARG A 282 -11.88 -13.15 12.08
C ARG A 282 -12.91 -13.70 11.05
N LEU A 283 -12.76 -13.33 9.78
CA LEU A 283 -13.63 -13.94 8.74
C LEU A 283 -13.42 -15.45 8.64
N ALA A 284 -12.15 -15.89 8.77
CA ALA A 284 -11.78 -17.30 8.51
C ALA A 284 -12.40 -18.28 9.53
N LYS A 285 -12.75 -17.74 10.70
CA LYS A 285 -13.35 -18.51 11.79
C LYS A 285 -14.88 -18.37 11.87
N LEU A 286 -15.48 -17.76 10.84
CA LEU A 286 -16.91 -17.82 10.63
C LEU A 286 -17.27 -19.03 9.78
N PRO A 287 -18.25 -19.84 10.23
CA PRO A 287 -18.71 -20.98 9.42
C PRO A 287 -18.98 -20.66 7.95
N GLU A 288 -19.47 -19.46 7.66
CA GLU A 288 -19.77 -19.11 6.28
C GLU A 288 -18.50 -19.11 5.38
N PHE A 289 -17.32 -18.96 6.00
CA PHE A 289 -16.06 -18.96 5.24
C PHE A 289 -15.24 -20.23 5.44
N ALA A 290 -15.88 -21.27 5.98
CA ALA A 290 -15.16 -22.49 6.31
C ALA A 290 -14.51 -23.15 5.12
N ASP A 291 -15.21 -23.19 3.99
CA ASP A 291 -14.60 -23.87 2.87
C ASP A 291 -14.10 -22.91 1.79
N LYS A 292 -13.79 -21.67 2.20
CA LYS A 292 -13.49 -20.57 1.27
C LYS A 292 -12.05 -20.14 1.34
N LEU A 293 -11.42 -19.93 0.19
CA LEU A 293 -10.00 -19.55 0.19
C LEU A 293 -9.83 -18.03 0.36
N ILE A 294 -9.21 -17.63 1.47
CA ILE A 294 -9.02 -16.22 1.83
C ILE A 294 -7.57 -15.78 1.56
N VAL A 295 -7.42 -14.80 0.67
CA VAL A 295 -6.11 -14.28 0.33
C VAL A 295 -5.97 -12.87 0.91
N VAL A 296 -4.86 -12.65 1.63
CA VAL A 296 -4.61 -11.45 2.38
C VAL A 296 -3.32 -10.78 1.87
N ILE A 297 -3.39 -9.48 1.61
CA ILE A 297 -2.23 -8.71 1.19
C ILE A 297 -1.42 -8.35 2.42
N LEU A 298 -0.13 -8.71 2.40
CA LEU A 298 0.79 -8.26 3.44
C LEU A 298 1.66 -7.18 2.80
N PRO A 299 1.33 -5.88 3.01
CA PRO A 299 1.96 -4.78 2.24
C PRO A 299 3.46 -4.56 2.39
N SER A 300 4.06 -4.96 3.51
CA SER A 300 5.47 -4.62 3.78
C SER A 300 6.15 -5.59 4.75
N ALA A 301 7.45 -5.36 4.96
CA ALA A 301 8.28 -6.29 5.71
C ALA A 301 8.78 -5.70 7.06
N SER A 302 9.08 -6.58 8.03
CA SER A 302 9.36 -6.19 9.44
C SER A 302 10.49 -5.20 9.69
N GLU A 303 11.59 -5.33 8.95
CA GLU A 303 12.80 -4.53 9.22
C GLU A 303 12.59 -3.04 8.99
N ARG A 304 11.64 -2.71 8.14
CA ARG A 304 11.20 -1.31 7.95
C ARG A 304 10.56 -0.69 9.23
N TYR A 305 10.29 -1.53 10.23
CA TYR A 305 9.61 -1.10 11.46
C TYR A 305 10.38 -1.39 12.75
N LEU A 306 11.69 -1.61 12.63
CA LEU A 306 12.50 -1.96 13.80
C LEU A 306 12.48 -0.97 14.97
N SER A 307 12.45 0.34 14.68
CA SER A 307 12.37 1.33 15.77
C SER A 307 10.94 1.79 16.11
N THR A 308 9.95 0.99 15.72
CA THR A 308 8.54 1.29 16.00
C THR A 308 8.05 0.40 17.12
N ALA A 309 6.82 0.66 17.57
CA ALA A 309 6.11 -0.23 18.50
C ALA A 309 6.14 -1.72 18.14
N LEU A 310 6.37 -2.08 16.87
CA LEU A 310 6.40 -3.50 16.48
C LEU A 310 7.43 -4.32 17.27
N PHE A 311 8.59 -3.71 17.52
CA PHE A 311 9.69 -4.38 18.24
C PHE A 311 9.95 -3.76 19.62
N TYR B 3 -0.72 10.31 8.58
CA TYR B 3 -0.63 8.95 7.97
C TYR B 3 0.72 8.72 7.27
N ASP B 4 1.12 7.45 7.16
CA ASP B 4 2.42 7.06 6.61
C ASP B 4 2.27 6.28 5.30
N ILE B 5 1.94 6.97 4.21
CA ILE B 5 1.63 6.27 2.94
C ILE B 5 2.59 6.56 1.78
S SO4 C . 5.07 9.75 5.57
O1 SO4 C . 3.74 9.97 6.12
O2 SO4 C . 5.55 8.41 5.91
O3 SO4 C . 4.98 9.92 4.11
O4 SO4 C . 6.01 10.74 6.13
#